data_5T0P
#
_entry.id   5T0P
#
_cell.length_a   41.675
_cell.length_b   63.922
_cell.length_c   74.994
_cell.angle_alpha   102.080
_cell.angle_beta   90.360
_cell.angle_gamma   90.140
#
_symmetry.space_group_name_H-M   'P 1'
#
loop_
_entity.id
_entity.type
_entity.pdbx_description
1 polymer 'Proto-oncogene tyrosine-protein kinase Src'
2 non-polymer (2E)-3-[4-amino-5-(4-chlorophenyl)-7-(2-methoxyethyl)-7H-pyrrolo[2,3-d]pyrimidin-6-yl]-2-cyano-N-(propan-2-yl)prop-2-enamide
3 water water
#
_entity_poly.entity_id   1
_entity_poly.type   'polypeptide(L)'
_entity_poly.pdbx_seq_one_letter_code
;GHMQTQGLAKDAWEIPRESLRLEVKLGQGCFGEVWMGTWNGTTRVAIKTLKPGTMSPEAFLQEAQCMKKLRHEKLVQLYA
VVSEEPIYIVTEYMSKGSLLDFLKGEMGKYLRLPQLVDMAAQIASGMAYVERMNYVHRDLRAANILVGENLVCKVADFGL
ARLIEDNEYTARQGAKFPIKWTAPEAALYGRFTIKSDVWSFGILLTELTTKGRVPYPGMVNREVLDQVERGYRMPCPPEC
PESLHDLMCQCWRKDPEERPTFEYLQAFLEDYFTSTEPQYQPGENL
;
_entity_poly.pdbx_strand_id   A,B
#
# COMPACT_ATOMS: atom_id res chain seq x y z
N LYS A 10 -27.04 33.80 -9.03
CA LYS A 10 -28.37 33.61 -9.72
C LYS A 10 -29.12 32.34 -9.23
N ASP A 11 -28.95 31.99 -7.95
CA ASP A 11 -29.42 30.70 -7.40
C ASP A 11 -29.45 30.73 -5.87
N ALA A 12 -30.45 30.08 -5.28
CA ALA A 12 -30.62 29.98 -3.82
C ALA A 12 -29.59 29.06 -3.10
N TRP A 13 -28.67 28.48 -3.86
CA TRP A 13 -27.50 27.78 -3.31
C TRP A 13 -26.26 28.69 -3.31
N GLU A 14 -26.38 29.90 -3.89
CA GLU A 14 -25.30 30.89 -3.89
C GLU A 14 -25.17 31.55 -2.50
N ILE A 15 -23.93 31.69 -2.04
CA ILE A 15 -23.62 32.18 -0.69
C ILE A 15 -22.42 33.15 -0.71
N PRO A 16 -22.46 34.21 0.12
CA PRO A 16 -21.28 35.07 0.26
C PRO A 16 -20.10 34.41 1.00
N ARG A 17 -18.89 34.84 0.65
CA ARG A 17 -17.64 34.19 1.08
C ARG A 17 -17.25 34.38 2.55
N GLU A 18 -17.94 35.25 3.29
CA GLU A 18 -17.63 35.54 4.70
C GLU A 18 -18.21 34.51 5.66
N SER A 19 -19.28 33.85 5.24
CA SER A 19 -19.89 32.77 6.03
C SER A 19 -18.95 31.57 6.24
N LEU A 20 -18.08 31.29 5.28
CA LEU A 20 -17.17 30.13 5.30
C LEU A 20 -15.81 30.43 5.90
N ARG A 21 -15.54 29.89 7.09
CA ARG A 21 -14.19 29.87 7.63
C ARG A 21 -13.55 28.57 7.15
N LEU A 22 -12.51 28.67 6.32
CA LEU A 22 -11.68 27.50 5.99
C LEU A 22 -10.81 27.22 7.21
N GLU A 23 -10.85 25.98 7.72
CA GLU A 23 -10.05 25.60 8.90
C GLU A 23 -8.88 24.66 8.56
N VAL A 24 -9.20 23.42 8.18
CA VAL A 24 -8.22 22.32 8.10
C VAL A 24 -8.11 21.72 6.70
N LYS A 25 -6.91 21.32 6.31
CA LYS A 25 -6.60 20.76 4.97
C LYS A 25 -6.76 19.24 4.94
N LEU A 26 -7.62 18.73 4.05
CA LEU A 26 -7.98 17.30 3.99
C LEU A 26 -7.42 16.52 2.79
N GLY A 27 -7.29 17.16 1.63
CA GLY A 27 -6.83 16.49 0.42
C GLY A 27 -6.44 17.41 -0.72
N GLN A 28 -5.28 17.11 -1.32
CA GLN A 28 -4.79 17.78 -2.54
C GLN A 28 -5.41 17.12 -3.78
N GLY A 29 -5.61 17.91 -4.85
CA GLY A 29 -6.10 17.39 -6.14
C GLY A 29 -5.72 18.27 -7.34
N CYS A 30 -6.01 17.79 -8.56
CA CYS A 30 -5.80 18.61 -9.77
C CYS A 30 -6.91 19.64 -9.91
N PHE A 31 -8.17 19.21 -9.71
CA PHE A 31 -9.30 20.14 -9.54
C PHE A 31 -8.98 21.21 -8.48
N GLY A 32 -8.46 20.77 -7.34
CA GLY A 32 -8.14 21.67 -6.22
C GLY A 32 -8.22 21.00 -4.86
N GLU A 33 -8.10 21.80 -3.81
CA GLU A 33 -8.09 21.31 -2.42
C GLU A 33 -9.46 20.89 -1.88
N VAL A 34 -9.46 20.27 -0.70
CA VAL A 34 -10.67 19.95 0.07
C VAL A 34 -10.40 20.27 1.55
N TRP A 35 -11.25 21.09 2.16
CA TRP A 35 -11.06 21.53 3.54
C TRP A 35 -12.20 21.14 4.46
N MET A 36 -11.92 21.06 5.75
CA MET A 36 -12.94 21.17 6.80
C MET A 36 -13.14 22.67 7.04
N GLY A 37 -14.27 23.04 7.63
CA GLY A 37 -14.51 24.43 7.95
C GLY A 37 -15.72 24.66 8.83
N THR A 38 -16.13 25.92 8.89
CA THR A 38 -17.31 26.31 9.64
C THR A 38 -18.11 27.31 8.83
N TRP A 39 -19.41 27.06 8.76
CA TRP A 39 -20.35 27.85 7.98
C TRP A 39 -21.17 28.66 8.94
N ASN A 40 -21.09 30.00 8.81
CA ASN A 40 -21.81 30.93 9.68
C ASN A 40 -21.48 30.72 11.17
N GLY A 41 -20.24 30.40 11.49
CA GLY A 41 -19.83 30.15 12.88
C GLY A 41 -20.28 28.85 13.50
N THR A 42 -21.55 28.47 13.28
CA THR A 42 -22.11 27.23 13.85
C THR A 42 -21.54 25.95 13.20
N THR A 43 -22.02 25.63 12.00
CA THR A 43 -21.95 24.25 11.46
C THR A 43 -20.58 23.84 10.94
N ARG A 44 -20.15 22.63 11.31
CA ARG A 44 -18.95 22.01 10.76
C ARG A 44 -19.28 21.51 9.34
N VAL A 45 -18.49 21.96 8.36
CA VAL A 45 -18.76 21.69 6.94
C VAL A 45 -17.50 21.31 6.20
N ALA A 46 -17.68 20.60 5.10
CA ALA A 46 -16.60 20.27 4.18
C ALA A 46 -16.68 21.24 3.01
N ILE A 47 -15.54 21.53 2.38
CA ILE A 47 -15.40 22.54 1.32
C ILE A 47 -14.48 22.07 0.17
N LYS A 48 -15.08 21.64 -0.94
CA LYS A 48 -14.33 21.29 -2.15
C LYS A 48 -14.10 22.56 -2.94
N THR A 49 -12.85 22.82 -3.30
CA THR A 49 -12.46 24.04 -3.99
C THR A 49 -11.97 23.74 -5.41
N LEU A 50 -11.67 24.81 -6.15
CA LEU A 50 -11.22 24.73 -7.52
C LEU A 50 -10.06 25.71 -7.75
N LYS A 51 -8.94 25.16 -8.21
CA LYS A 51 -7.77 25.94 -8.59
C LYS A 51 -8.03 26.49 -10.01
N PRO A 52 -7.98 27.84 -10.20
CA PRO A 52 -8.31 28.50 -11.49
C PRO A 52 -7.90 27.82 -12.80
N GLY A 53 -6.60 27.50 -12.94
CA GLY A 53 -6.04 27.03 -14.22
C GLY A 53 -6.19 25.56 -14.59
N THR A 54 -6.96 24.79 -13.83
CA THR A 54 -7.21 23.36 -14.12
C THR A 54 -8.64 23.02 -14.58
N MET A 55 -9.61 23.91 -14.37
CA MET A 55 -10.92 23.84 -15.03
C MET A 55 -11.59 25.22 -15.03
N SER A 56 -12.39 25.46 -16.06
CA SER A 56 -13.13 26.72 -16.20
C SER A 56 -14.28 26.84 -15.20
N PRO A 57 -14.79 28.08 -15.00
CA PRO A 57 -15.94 28.30 -14.09
C PRO A 57 -17.28 27.75 -14.62
N GLU A 58 -17.56 27.97 -15.90
CA GLU A 58 -18.76 27.42 -16.52
C GLU A 58 -18.78 25.87 -16.56
N ALA A 59 -17.58 25.23 -16.52
CA ALA A 59 -17.46 23.75 -16.54
C ALA A 59 -17.81 23.09 -15.20
N PHE A 60 -17.24 23.61 -14.13
CA PHE A 60 -17.46 23.09 -12.77
C PHE A 60 -18.89 23.34 -12.22
N LEU A 61 -19.69 24.13 -12.95
CA LEU A 61 -21.16 24.22 -12.76
C LEU A 61 -21.85 22.86 -12.66
N GLN A 62 -21.46 21.93 -13.53
CA GLN A 62 -22.10 20.60 -13.57
C GLN A 62 -21.74 19.66 -12.41
N GLU A 63 -20.53 19.78 -11.83
CA GLU A 63 -20.12 18.97 -10.66
C GLU A 63 -21.21 18.90 -9.57
N ALA A 64 -21.81 20.05 -9.29
CA ALA A 64 -22.84 20.20 -8.25
C ALA A 64 -24.28 20.35 -8.78
N GLN A 65 -24.50 20.28 -10.11
CA GLN A 65 -25.85 20.30 -10.67
C GLN A 65 -26.67 19.06 -10.22
N CYS A 66 -26.03 17.89 -10.28
CA CYS A 66 -26.58 16.64 -9.76
C CYS A 66 -26.86 16.73 -8.26
N MET A 67 -25.91 17.30 -7.52
CA MET A 67 -26.02 17.48 -6.06
C MET A 67 -27.16 18.39 -5.66
N LYS A 68 -27.49 19.37 -6.51
CA LYS A 68 -28.64 20.23 -6.29
C LYS A 68 -29.92 19.42 -6.35
N LYS A 69 -30.12 18.69 -7.44
CA LYS A 69 -31.33 17.88 -7.60
C LYS A 69 -31.43 16.67 -6.63
N LEU A 70 -30.31 15.99 -6.35
CA LEU A 70 -30.29 14.75 -5.54
C LEU A 70 -30.20 14.93 -3.99
N ARG A 71 -31.15 14.35 -3.26
CA ARG A 71 -31.15 14.34 -1.79
C ARG A 71 -31.59 12.97 -1.22
N HIS A 72 -30.74 12.32 -0.42
CA HIS A 72 -31.05 11.03 0.20
C HIS A 72 -30.04 10.73 1.33
N GLU A 73 -30.47 10.04 2.37
CA GLU A 73 -29.65 9.92 3.57
C GLU A 73 -28.25 9.33 3.36
N LYS A 74 -28.06 8.53 2.31
CA LYS A 74 -26.75 7.96 1.99
C LYS A 74 -26.04 8.67 0.83
N LEU A 75 -26.41 9.91 0.55
CA LEU A 75 -25.73 10.73 -0.44
C LEU A 75 -25.25 11.97 0.27
N VAL A 76 -23.95 12.16 0.28
CA VAL A 76 -23.36 13.38 0.87
C VAL A 76 -24.17 14.58 0.43
N GLN A 77 -24.61 15.36 1.41
CA GLN A 77 -25.54 16.46 1.22
C GLN A 77 -24.81 17.76 0.88
N LEU A 78 -25.37 18.50 -0.07
CA LEU A 78 -24.87 19.82 -0.41
C LEU A 78 -25.58 20.85 0.45
N TYR A 79 -24.77 21.71 1.04
CA TYR A 79 -25.23 22.87 1.77
C TYR A 79 -25.23 24.14 0.94
N ALA A 80 -24.19 24.36 0.14
CA ALA A 80 -24.00 25.66 -0.52
C ALA A 80 -22.94 25.63 -1.63
N VAL A 81 -22.86 26.74 -2.38
CA VAL A 81 -21.81 26.95 -3.37
C VAL A 81 -21.36 28.42 -3.43
N VAL A 82 -20.28 28.65 -4.15
CA VAL A 82 -19.88 29.99 -4.58
C VAL A 82 -19.51 29.87 -6.06
N SER A 83 -20.42 30.27 -6.94
CA SER A 83 -20.24 30.17 -8.39
C SER A 83 -19.13 31.07 -8.94
N GLU A 84 -18.96 32.25 -8.35
CA GLU A 84 -17.87 33.17 -8.72
C GLU A 84 -16.50 32.53 -8.40
N GLU A 85 -15.57 32.64 -9.35
CA GLU A 85 -14.25 32.00 -9.24
C GLU A 85 -13.33 32.80 -8.28
N PRO A 86 -12.56 32.15 -7.39
CA PRO A 86 -12.47 30.68 -7.26
C PRO A 86 -13.70 30.04 -6.63
N ILE A 87 -14.12 28.91 -7.18
CA ILE A 87 -15.34 28.23 -6.73
C ILE A 87 -15.12 27.50 -5.39
N TYR A 88 -16.17 27.43 -4.57
CA TYR A 88 -16.20 26.59 -3.36
C TYR A 88 -17.53 25.84 -3.30
N ILE A 89 -17.49 24.53 -3.07
CA ILE A 89 -18.69 23.71 -2.88
C ILE A 89 -18.72 23.27 -1.42
N VAL A 90 -19.85 23.48 -0.75
CA VAL A 90 -20.00 23.25 0.69
C VAL A 90 -20.95 22.08 0.99
N THR A 91 -20.47 21.09 1.71
CA THR A 91 -21.22 19.87 1.99
C THR A 91 -21.15 19.54 3.47
N GLU A 92 -21.88 18.51 3.89
CA GLU A 92 -21.78 18.00 5.27
C GLU A 92 -20.37 17.44 5.49
N TYR A 93 -19.80 17.67 6.67
CA TYR A 93 -18.51 17.08 7.00
C TYR A 93 -18.70 15.64 7.44
N MET A 94 -17.93 14.73 6.86
CA MET A 94 -17.92 13.34 7.27
C MET A 94 -16.71 13.13 8.13
N SER A 95 -16.97 12.91 9.41
CA SER A 95 -15.95 12.78 10.44
C SER A 95 -14.80 11.84 10.08
N LYS A 96 -15.12 10.61 9.67
CA LYS A 96 -14.11 9.56 9.55
C LYS A 96 -13.42 9.45 8.18
N GLY A 97 -13.74 10.35 7.25
CA GLY A 97 -13.03 10.46 5.96
C GLY A 97 -13.49 9.47 4.91
N SER A 98 -12.65 9.21 3.90
CA SER A 98 -12.96 8.21 2.85
C SER A 98 -13.04 6.80 3.41
N LEU A 99 -13.86 5.96 2.79
CA LEU A 99 -13.97 4.54 3.18
C LEU A 99 -12.66 3.75 2.98
N LEU A 100 -11.91 4.08 1.92
CA LEU A 100 -10.66 3.39 1.62
C LEU A 100 -9.63 3.66 2.69
N ASP A 101 -9.48 4.94 3.05
CA ASP A 101 -8.56 5.32 4.14
C ASP A 101 -8.97 4.67 5.46
N PHE A 102 -10.28 4.62 5.69
CA PHE A 102 -10.82 3.99 6.88
C PHE A 102 -10.56 2.48 6.95
N LEU A 103 -10.69 1.74 5.87
CA LEU A 103 -10.41 0.28 5.92
C LEU A 103 -8.92 -0.08 6.03
N LYS A 104 -8.05 0.74 5.43
CA LYS A 104 -6.62 0.41 5.31
C LYS A 104 -5.93 0.65 6.64
N GLY A 105 -6.17 1.84 7.20
CA GLY A 105 -5.66 2.24 8.51
C GLY A 105 -6.35 1.52 9.66
N GLU A 106 -5.90 1.83 10.86
CA GLU A 106 -6.16 1.05 12.08
C GLU A 106 -7.61 0.79 12.51
N MET A 107 -8.50 1.76 12.23
CA MET A 107 -9.88 1.70 12.79
C MET A 107 -10.68 0.52 12.22
N GLY A 108 -10.23 0.00 11.08
CA GLY A 108 -10.81 -1.16 10.47
C GLY A 108 -9.90 -2.38 10.39
N LYS A 109 -8.88 -2.45 11.24
CA LYS A 109 -8.13 -3.68 11.40
C LYS A 109 -9.09 -4.75 11.95
N TYR A 110 -10.04 -4.30 12.79
CA TYR A 110 -10.99 -5.19 13.46
C TYR A 110 -12.37 -5.30 12.82
N LEU A 111 -12.61 -4.66 11.67
CA LEU A 111 -13.92 -4.76 11.01
C LEU A 111 -14.14 -6.15 10.51
N ARG A 112 -15.20 -6.80 10.96
CA ARG A 112 -15.52 -8.13 10.48
C ARG A 112 -16.67 -8.03 9.51
N LEU A 113 -16.97 -9.15 8.87
CA LEU A 113 -17.99 -9.20 7.82
C LEU A 113 -19.25 -8.40 8.08
N PRO A 114 -19.87 -8.54 9.28
CA PRO A 114 -21.18 -7.94 9.48
C PRO A 114 -21.21 -6.43 9.59
N GLN A 115 -20.09 -5.79 9.91
CA GLN A 115 -19.98 -4.31 9.83
C GLN A 115 -19.83 -3.94 8.35
N LEU A 116 -19.02 -4.71 7.63
CA LEU A 116 -18.75 -4.51 6.20
C LEU A 116 -20.02 -4.66 5.36
N VAL A 117 -20.72 -5.78 5.54
CA VAL A 117 -21.97 -6.05 4.80
C VAL A 117 -23.03 -4.98 5.07
N ASP A 118 -23.10 -4.47 6.29
CA ASP A 118 -24.00 -3.36 6.60
C ASP A 118 -23.58 -2.05 5.94
N MET A 119 -22.27 -1.82 5.74
CA MET A 119 -21.79 -0.66 5.00
C MET A 119 -22.22 -0.74 3.55
N ALA A 120 -22.04 -1.93 3.00
CA ALA A 120 -22.44 -2.23 1.64
C ALA A 120 -23.93 -2.07 1.44
N ALA A 121 -24.71 -2.53 2.40
CA ALA A 121 -26.17 -2.32 2.33
C ALA A 121 -26.52 -0.82 2.26
N GLN A 122 -25.81 0.01 3.01
CA GLN A 122 -26.04 1.46 2.99
C GLN A 122 -25.65 2.16 1.69
N ILE A 123 -24.48 1.83 1.17
CA ILE A 123 -24.02 2.42 -0.10
C ILE A 123 -25.05 2.02 -1.15
N ALA A 124 -25.40 0.73 -1.19
CA ALA A 124 -26.45 0.19 -2.05
C ALA A 124 -27.81 0.92 -1.90
N SER A 125 -28.19 1.32 -0.69
CA SER A 125 -29.34 2.21 -0.52
C SER A 125 -29.15 3.51 -1.31
N GLY A 126 -28.02 4.18 -1.12
CA GLY A 126 -27.67 5.37 -1.92
C GLY A 126 -27.85 5.14 -3.41
N MET A 127 -27.22 4.08 -3.94
CA MET A 127 -27.33 3.74 -5.37
C MET A 127 -28.72 3.31 -5.89
N ALA A 128 -29.52 2.66 -5.05
CA ALA A 128 -30.90 2.34 -5.42
C ALA A 128 -31.74 3.61 -5.55
N TYR A 129 -31.41 4.65 -4.78
CA TYR A 129 -32.01 5.97 -4.99
C TYR A 129 -31.53 6.61 -6.31
N VAL A 130 -30.23 6.50 -6.60
CA VAL A 130 -29.66 7.02 -7.87
C VAL A 130 -30.26 6.30 -9.10
N GLU A 131 -30.50 4.99 -8.93
CA GLU A 131 -31.25 4.15 -9.87
C GLU A 131 -32.67 4.67 -10.05
N ARG A 132 -33.42 4.81 -8.95
CA ARG A 132 -34.78 5.34 -9.00
C ARG A 132 -34.91 6.73 -9.62
N MET A 133 -33.88 7.57 -9.53
CA MET A 133 -33.91 8.90 -10.17
C MET A 133 -33.33 8.96 -11.59
N ASN A 134 -32.95 7.81 -12.14
CA ASN A 134 -32.33 7.72 -13.47
C ASN A 134 -31.12 8.64 -13.57
N TYR A 135 -30.12 8.33 -12.74
CA TYR A 135 -28.79 8.85 -12.91
C TYR A 135 -27.80 7.69 -12.91
N VAL A 136 -26.55 8.04 -13.22
CA VAL A 136 -25.43 7.12 -13.19
C VAL A 136 -24.32 7.81 -12.40
N HIS A 137 -23.62 7.06 -11.56
CA HIS A 137 -22.49 7.61 -10.83
C HIS A 137 -21.31 7.71 -11.77
N ARG A 138 -21.04 6.62 -12.48
CA ARG A 138 -19.91 6.49 -13.42
C ARG A 138 -18.56 6.25 -12.73
N ASP A 139 -18.51 6.19 -11.41
CA ASP A 139 -17.24 6.19 -10.67
C ASP A 139 -17.42 5.77 -9.21
N LEU A 140 -18.14 4.67 -9.02
CA LEU A 140 -18.40 4.15 -7.70
C LEU A 140 -17.24 3.29 -7.28
N ARG A 141 -16.60 3.66 -6.19
CA ARG A 141 -15.51 2.86 -5.61
C ARG A 141 -15.20 3.42 -4.24
N ALA A 142 -14.44 2.66 -3.47
CA ALA A 142 -14.14 2.98 -2.06
C ALA A 142 -13.50 4.35 -1.80
N ALA A 143 -12.75 4.90 -2.76
CA ALA A 143 -12.22 6.24 -2.60
C ALA A 143 -13.28 7.36 -2.68
N ASN A 144 -14.49 7.04 -3.16
CA ASN A 144 -15.62 7.98 -3.25
C ASN A 144 -16.83 7.61 -2.36
N ILE A 145 -16.56 6.89 -1.28
CA ILE A 145 -17.50 6.64 -0.22
C ILE A 145 -16.93 7.32 1.01
N LEU A 146 -17.80 8.04 1.74
CA LEU A 146 -17.40 8.71 2.98
C LEU A 146 -18.07 8.02 4.20
N VAL A 147 -17.25 7.69 5.20
CA VAL A 147 -17.69 7.07 6.45
C VAL A 147 -17.94 8.18 7.46
N GLY A 148 -18.96 7.98 8.30
CA GLY A 148 -19.38 8.95 9.32
C GLY A 148 -19.50 8.36 10.71
N GLU A 149 -20.14 9.11 11.61
CA GLU A 149 -20.33 8.61 12.97
C GLU A 149 -21.31 7.44 12.93
N ASN A 150 -20.94 6.35 13.62
CA ASN A 150 -21.71 5.11 13.69
C ASN A 150 -21.57 4.25 12.41
N LEU A 151 -20.44 4.40 11.70
CA LEU A 151 -20.22 3.76 10.39
C LEU A 151 -21.34 3.98 9.36
N VAL A 152 -21.93 5.17 9.38
CA VAL A 152 -22.80 5.60 8.31
C VAL A 152 -21.90 5.79 7.09
N CYS A 153 -22.29 5.20 5.97
CA CYS A 153 -21.56 5.33 4.72
C CYS A 153 -22.39 6.10 3.72
N LYS A 154 -21.73 6.94 2.94
CA LYS A 154 -22.43 7.80 1.99
C LYS A 154 -21.68 7.89 0.67
N VAL A 155 -22.45 7.88 -0.41
CA VAL A 155 -21.95 7.95 -1.77
C VAL A 155 -21.56 9.42 -2.07
N ALA A 156 -20.31 9.64 -2.49
CA ALA A 156 -19.71 10.98 -2.44
C ALA A 156 -19.51 11.65 -3.81
N ASP A 157 -18.32 11.52 -4.41
CA ASP A 157 -17.89 12.39 -5.51
C ASP A 157 -18.52 11.96 -6.82
N PHE A 158 -19.80 12.34 -7.02
CA PHE A 158 -20.51 12.13 -8.30
C PHE A 158 -20.45 13.38 -9.18
N GLY A 159 -19.33 14.09 -9.14
CA GLY A 159 -18.99 15.10 -10.14
C GLY A 159 -18.69 14.49 -11.50
N LEU A 160 -19.53 14.83 -12.48
CA LEU A 160 -19.61 14.12 -13.77
C LEU A 160 -20.44 12.82 -13.61
N ALA A 161 -21.62 12.98 -13.02
CA ALA A 161 -22.63 11.91 -12.88
C ALA A 161 -23.66 12.09 -13.99
N ARG A 162 -23.88 11.04 -14.78
CA ARG A 162 -24.71 11.12 -15.99
C ARG A 162 -26.16 11.51 -15.72
N LEU A 163 -26.78 12.11 -16.74
CA LEU A 163 -28.16 12.57 -16.71
C LEU A 163 -28.90 11.85 -17.85
N ILE A 164 -28.81 10.51 -17.88
CA ILE A 164 -29.53 9.69 -18.87
C ILE A 164 -29.61 8.24 -18.40
N PRO A 178 -9.05 4.54 -14.53
CA PRO A 178 -9.98 4.00 -13.55
C PRO A 178 -10.45 2.57 -13.90
N ILE A 179 -9.70 1.89 -14.76
CA ILE A 179 -10.11 0.65 -15.42
C ILE A 179 -10.57 -0.45 -14.48
N LYS A 180 -9.82 -0.65 -13.40
CA LYS A 180 -10.05 -1.78 -12.46
C LYS A 180 -11.43 -1.79 -11.81
N TRP A 181 -11.96 -0.59 -11.56
CA TRP A 181 -13.32 -0.43 -11.05
C TRP A 181 -14.39 -0.34 -12.14
N THR A 182 -14.02 0.20 -13.31
CA THR A 182 -14.94 0.44 -14.42
C THR A 182 -15.34 -0.85 -15.14
N ALA A 183 -16.58 -0.89 -15.61
CA ALA A 183 -17.07 -2.00 -16.42
C ALA A 183 -16.48 -1.91 -17.85
N PRO A 184 -16.21 -3.06 -18.49
CA PRO A 184 -15.52 -3.03 -19.78
C PRO A 184 -16.30 -2.31 -20.90
N GLU A 185 -17.58 -2.64 -21.08
CA GLU A 185 -18.42 -1.93 -22.05
C GLU A 185 -18.40 -0.42 -21.87
N ALA A 186 -18.11 0.04 -20.65
CA ALA A 186 -17.91 1.46 -20.38
C ALA A 186 -16.48 1.89 -20.64
N ALA A 187 -15.50 1.08 -20.24
CA ALA A 187 -14.10 1.43 -20.47
C ALA A 187 -13.83 1.63 -21.95
N LEU A 188 -14.36 0.70 -22.75
CA LEU A 188 -14.16 0.64 -24.18
C LEU A 188 -15.12 1.52 -25.01
N TYR A 189 -16.39 1.17 -25.03
CA TYR A 189 -17.34 1.78 -25.96
C TYR A 189 -18.05 3.01 -25.38
N GLY A 190 -17.75 3.42 -24.17
CA GLY A 190 -18.43 4.54 -23.54
C GLY A 190 -19.88 4.31 -23.14
N ARG A 191 -20.31 3.06 -23.01
CA ARG A 191 -21.66 2.73 -22.50
C ARG A 191 -21.69 2.89 -20.97
N PHE A 192 -21.95 4.10 -20.48
CA PHE A 192 -21.98 4.39 -19.01
C PHE A 192 -23.40 4.38 -18.43
N THR A 193 -23.83 3.19 -18.00
CA THR A 193 -25.18 2.95 -17.48
C THR A 193 -25.18 2.64 -15.99
N ILE A 194 -26.38 2.74 -15.40
CA ILE A 194 -26.60 2.21 -14.06
C ILE A 194 -26.09 0.76 -13.91
N LYS A 195 -26.12 -0.06 -14.98
CA LYS A 195 -25.55 -1.42 -14.95
C LYS A 195 -24.02 -1.48 -14.94
N SER A 196 -23.35 -0.40 -15.35
CA SER A 196 -21.90 -0.30 -15.18
C SER A 196 -21.52 0.12 -13.77
N ASP A 197 -22.48 0.65 -13.01
CA ASP A 197 -22.31 0.91 -11.58
C ASP A 197 -22.49 -0.35 -10.73
N VAL A 198 -23.34 -1.28 -11.14
CA VAL A 198 -23.48 -2.56 -10.46
C VAL A 198 -22.17 -3.33 -10.60
N TRP A 199 -21.53 -3.26 -11.76
CA TRP A 199 -20.20 -3.85 -11.95
C TRP A 199 -19.25 -3.31 -10.90
N SER A 200 -19.11 -1.98 -10.86
CA SER A 200 -18.18 -1.32 -9.92
C SER A 200 -18.52 -1.76 -8.52
N PHE A 201 -19.76 -1.55 -8.14
CA PHE A 201 -20.21 -1.95 -6.85
C PHE A 201 -19.79 -3.40 -6.51
N GLY A 202 -19.91 -4.32 -7.44
CA GLY A 202 -19.34 -5.67 -7.26
C GLY A 202 -17.85 -5.70 -6.93
N ILE A 203 -17.06 -4.83 -7.57
CA ILE A 203 -15.64 -4.63 -7.22
C ILE A 203 -15.49 -3.96 -5.85
N LEU A 204 -16.35 -3.00 -5.51
CA LEU A 204 -16.37 -2.41 -4.16
C LEU A 204 -16.59 -3.49 -3.06
N LEU A 205 -17.38 -4.53 -3.34
CA LEU A 205 -17.48 -5.68 -2.41
C LEU A 205 -16.13 -6.40 -2.17
N THR A 206 -15.22 -6.39 -3.15
CA THR A 206 -13.86 -6.96 -2.95
C THR A 206 -12.86 -6.02 -2.27
N GLU A 207 -13.18 -4.73 -2.15
CA GLU A 207 -12.39 -3.80 -1.33
C GLU A 207 -12.73 -3.96 0.12
N LEU A 208 -14.03 -3.99 0.42
CA LEU A 208 -14.48 -4.18 1.79
C LEU A 208 -13.89 -5.44 2.40
N THR A 209 -13.99 -6.56 1.70
CA THR A 209 -13.58 -7.86 2.27
C THR A 209 -12.05 -8.17 2.20
N THR A 210 -11.25 -7.24 1.66
CA THR A 210 -9.78 -7.37 1.70
C THR A 210 -9.13 -6.19 2.41
N LYS A 211 -9.88 -5.47 3.23
CA LYS A 211 -9.36 -4.32 3.97
C LYS A 211 -8.76 -3.25 3.05
N GLY A 212 -9.44 -3.01 1.94
CA GLY A 212 -9.17 -1.88 1.08
C GLY A 212 -7.93 -2.00 0.21
N ARG A 213 -7.60 -3.22 -0.22
CA ARG A 213 -6.51 -3.42 -1.18
C ARG A 213 -6.95 -2.98 -2.55
N VAL A 214 -6.02 -2.93 -3.50
CA VAL A 214 -6.34 -2.62 -4.90
C VAL A 214 -6.79 -3.96 -5.50
N PRO A 215 -7.89 -3.98 -6.27
CA PRO A 215 -8.35 -5.21 -6.90
C PRO A 215 -7.45 -5.63 -8.05
N TYR A 216 -7.58 -6.89 -8.47
CA TYR A 216 -6.73 -7.46 -9.53
C TYR A 216 -5.29 -7.33 -9.13
N PRO A 217 -4.93 -7.97 -8.02
CA PRO A 217 -3.60 -7.82 -7.48
C PRO A 217 -2.56 -8.55 -8.31
N GLY A 218 -1.45 -7.86 -8.60
CA GLY A 218 -0.42 -8.37 -9.49
C GLY A 218 -0.81 -8.26 -10.96
N MET A 219 -1.56 -7.20 -11.30
CA MET A 219 -1.97 -6.92 -12.67
C MET A 219 -2.04 -5.44 -12.88
N VAL A 220 -1.74 -5.01 -14.10
CA VAL A 220 -1.68 -3.58 -14.47
C VAL A 220 -2.83 -3.26 -15.43
N ASN A 221 -3.28 -2.00 -15.44
CA ASN A 221 -4.50 -1.58 -16.18
C ASN A 221 -4.64 -2.22 -17.57
N ARG A 222 -3.52 -2.32 -18.26
CA ARG A 222 -3.45 -2.96 -19.58
C ARG A 222 -3.91 -4.43 -19.55
N GLU A 223 -3.29 -5.28 -18.73
CA GLU A 223 -3.63 -6.72 -18.76
C GLU A 223 -5.00 -7.03 -18.15
N VAL A 224 -5.54 -6.09 -17.40
CA VAL A 224 -6.87 -6.23 -16.81
C VAL A 224 -7.95 -6.31 -17.89
N LEU A 225 -7.98 -5.31 -18.78
CA LEU A 225 -8.99 -5.30 -19.84
C LEU A 225 -8.98 -6.61 -20.63
N ASP A 226 -7.79 -7.08 -21.01
CA ASP A 226 -7.67 -8.34 -21.80
C ASP A 226 -8.18 -9.51 -20.98
N GLN A 227 -7.66 -9.68 -19.78
CA GLN A 227 -8.11 -10.78 -18.94
C GLN A 227 -9.62 -10.77 -18.64
N VAL A 228 -10.20 -9.59 -18.40
CA VAL A 228 -11.61 -9.51 -18.10
C VAL A 228 -12.46 -10.01 -19.28
N GLU A 229 -12.16 -9.52 -20.48
CA GLU A 229 -12.93 -9.87 -21.65
C GLU A 229 -12.79 -11.33 -22.05
N ARG A 230 -11.65 -11.95 -21.69
CA ARG A 230 -11.50 -13.40 -21.80
C ARG A 230 -12.43 -14.13 -20.83
N GLY A 231 -12.87 -13.44 -19.77
CA GLY A 231 -13.82 -13.96 -18.78
C GLY A 231 -13.19 -14.32 -17.44
N TYR A 232 -12.12 -13.61 -17.08
CA TYR A 232 -11.48 -13.73 -15.78
C TYR A 232 -12.13 -12.75 -14.83
N ARG A 233 -12.81 -13.32 -13.84
CA ARG A 233 -13.34 -12.62 -12.70
C ARG A 233 -12.49 -12.95 -11.47
N MET A 234 -12.48 -12.06 -10.48
CA MET A 234 -11.65 -12.27 -9.29
C MET A 234 -12.10 -13.45 -8.40
N PRO A 235 -11.13 -14.21 -7.84
CA PRO A 235 -11.50 -15.30 -6.95
C PRO A 235 -12.14 -14.81 -5.64
N CYS A 236 -12.80 -15.75 -4.97
CA CYS A 236 -13.39 -15.56 -3.65
C CYS A 236 -12.29 -15.21 -2.62
N PRO A 237 -12.25 -13.93 -2.11
CA PRO A 237 -11.16 -13.57 -1.16
C PRO A 237 -11.19 -14.43 0.10
N PRO A 238 -10.02 -14.88 0.61
CA PRO A 238 -9.94 -15.75 1.80
C PRO A 238 -10.94 -15.45 2.93
N GLU A 239 -11.55 -16.51 3.48
CA GLU A 239 -12.54 -16.41 4.57
C GLU A 239 -13.71 -15.43 4.25
N CYS A 240 -14.25 -15.52 3.04
CA CYS A 240 -15.45 -14.78 2.65
C CYS A 240 -16.53 -15.79 2.24
N PRO A 241 -17.78 -15.56 2.65
CA PRO A 241 -18.76 -16.64 2.39
C PRO A 241 -19.05 -16.80 0.90
N GLU A 242 -19.14 -18.04 0.46
CA GLU A 242 -19.39 -18.38 -0.94
C GLU A 242 -20.53 -17.54 -1.52
N SER A 243 -21.66 -17.52 -0.81
CA SER A 243 -22.84 -16.74 -1.20
C SER A 243 -22.56 -15.26 -1.49
N LEU A 244 -21.61 -14.66 -0.79
CA LEU A 244 -21.20 -13.30 -1.13
C LEU A 244 -20.33 -13.23 -2.42
N HIS A 245 -19.38 -14.16 -2.59
CA HIS A 245 -18.58 -14.20 -3.83
C HIS A 245 -19.45 -14.48 -5.06
N ASP A 246 -20.49 -15.28 -4.89
CA ASP A 246 -21.51 -15.47 -5.95
C ASP A 246 -22.17 -14.13 -6.32
N LEU A 247 -22.60 -13.37 -5.31
CA LEU A 247 -23.17 -12.04 -5.54
C LEU A 247 -22.21 -11.11 -6.30
N MET A 248 -20.92 -11.18 -6.02
CA MET A 248 -19.96 -10.44 -6.86
C MET A 248 -20.03 -10.90 -8.34
N CYS A 249 -20.13 -12.21 -8.61
CA CYS A 249 -20.21 -12.70 -10.01
C CYS A 249 -21.49 -12.31 -10.77
N GLN A 250 -22.63 -12.23 -10.10
CA GLN A 250 -23.83 -11.57 -10.66
C GLN A 250 -23.57 -10.09 -11.03
N CYS A 251 -22.83 -9.38 -10.18
CA CYS A 251 -22.47 -7.97 -10.45
C CYS A 251 -21.56 -7.81 -11.68
N TRP A 252 -20.82 -8.88 -12.04
CA TRP A 252 -19.87 -8.84 -13.14
C TRP A 252 -20.24 -9.72 -14.32
N ARG A 253 -21.54 -9.95 -14.53
CA ARG A 253 -21.97 -10.73 -15.69
C ARG A 253 -21.69 -9.90 -16.93
N LYS A 254 -21.34 -10.59 -18.02
CA LYS A 254 -20.89 -9.97 -19.24
C LYS A 254 -21.98 -9.10 -19.83
N ASP A 255 -23.19 -9.65 -19.88
CA ASP A 255 -24.34 -8.92 -20.39
C ASP A 255 -24.84 -7.92 -19.33
N PRO A 256 -24.73 -6.60 -19.58
CA PRO A 256 -25.34 -5.60 -18.69
C PRO A 256 -26.67 -5.97 -17.99
N GLU A 257 -27.60 -6.56 -18.73
CA GLU A 257 -28.96 -6.85 -18.23
C GLU A 257 -29.10 -8.13 -17.39
N GLU A 258 -28.11 -9.00 -17.43
CA GLU A 258 -28.10 -10.18 -16.55
C GLU A 258 -27.55 -9.83 -15.16
N ARG A 259 -26.98 -8.62 -14.97
CA ARG A 259 -26.58 -8.14 -13.63
C ARG A 259 -27.78 -7.69 -12.81
N PRO A 260 -27.76 -7.90 -11.50
CA PRO A 260 -28.92 -7.49 -10.71
C PRO A 260 -28.86 -6.00 -10.45
N THR A 261 -29.96 -5.47 -9.92
CA THR A 261 -30.08 -4.03 -9.64
C THR A 261 -29.75 -3.69 -8.18
N PHE A 262 -29.60 -2.39 -7.94
CA PHE A 262 -29.42 -1.85 -6.58
C PHE A 262 -30.62 -2.06 -5.62
N GLU A 263 -31.81 -2.37 -6.14
CA GLU A 263 -32.94 -2.82 -5.32
C GLU A 263 -32.71 -4.23 -4.73
N TYR A 264 -32.31 -5.18 -5.56
CA TYR A 264 -32.09 -6.57 -5.11
C TYR A 264 -30.81 -6.69 -4.28
N LEU A 265 -29.77 -5.95 -4.65
CA LEU A 265 -28.53 -5.93 -3.87
C LEU A 265 -28.84 -5.42 -2.48
N GLN A 266 -29.43 -4.23 -2.38
CA GLN A 266 -29.80 -3.64 -1.09
C GLN A 266 -30.56 -4.64 -0.23
N ALA A 267 -31.70 -5.12 -0.71
CA ALA A 267 -32.47 -6.21 -0.04
C ALA A 267 -31.67 -7.47 0.34
N PHE A 268 -30.71 -7.87 -0.50
CA PHE A 268 -29.89 -9.07 -0.28
C PHE A 268 -28.93 -8.89 0.90
N LEU A 269 -28.15 -7.83 0.83
CA LEU A 269 -27.20 -7.48 1.90
C LEU A 269 -27.85 -7.08 3.24
N GLU A 270 -28.93 -6.30 3.22
CA GLU A 270 -29.69 -6.07 4.45
C GLU A 270 -30.02 -7.36 5.17
N ASP A 271 -30.61 -8.30 4.45
CA ASP A 271 -31.08 -9.53 5.06
C ASP A 271 -30.01 -10.61 5.15
N TYR A 272 -28.82 -10.33 4.64
CA TYR A 272 -27.78 -11.33 4.45
C TYR A 272 -27.69 -12.36 5.54
N PHE A 273 -27.60 -11.92 6.78
CA PHE A 273 -27.27 -12.84 7.89
C PHE A 273 -28.42 -13.65 8.44
N THR A 274 -29.64 -13.38 7.93
CA THR A 274 -30.81 -14.15 8.28
C THR A 274 -31.17 -15.12 7.17
N SER A 275 -31.22 -14.60 5.96
CA SER A 275 -31.75 -15.29 4.79
C SER A 275 -30.73 -16.18 4.11
N THR A 276 -29.51 -15.67 3.98
CA THR A 276 -28.47 -16.26 3.13
C THR A 276 -27.30 -16.88 3.92
N GLU A 277 -26.89 -16.24 5.03
CA GLU A 277 -25.86 -16.78 5.93
C GLU A 277 -26.28 -16.65 7.42
N PRO A 278 -27.14 -17.57 7.89
CA PRO A 278 -27.52 -17.65 9.29
C PRO A 278 -26.50 -18.38 10.21
N GLN A 279 -25.86 -19.45 9.73
CA GLN A 279 -24.85 -20.19 10.51
C GLN A 279 -23.39 -19.63 10.42
N TYR A 280 -23.23 -18.44 9.84
CA TYR A 280 -21.95 -17.72 9.75
C TYR A 280 -21.21 -17.58 11.07
N GLN A 281 -19.92 -17.94 11.09
CA GLN A 281 -19.06 -17.88 12.29
C GLN A 281 -17.85 -16.98 12.03
N PRO A 282 -17.54 -16.03 12.94
CA PRO A 282 -16.37 -15.16 12.66
C PRO A 282 -15.04 -15.93 12.53
N GLY A 283 -14.12 -15.33 11.77
CA GLY A 283 -12.82 -15.92 11.47
C GLY A 283 -11.70 -15.06 12.01
N GLU A 284 -10.62 -14.97 11.23
CA GLU A 284 -9.45 -14.16 11.60
C GLU A 284 -9.61 -12.78 11.03
N ASN A 285 -9.94 -12.70 9.75
CA ASN A 285 -10.15 -11.42 9.09
C ASN A 285 -11.61 -11.05 8.79
N LEU A 286 -12.48 -12.05 8.64
CA LEU A 286 -13.92 -11.79 8.45
C LEU A 286 -14.74 -12.86 9.14
N ASP B 11 23.82 -32.45 7.00
CA ASP B 11 23.21 -33.47 6.07
C ASP B 11 22.30 -32.81 5.05
N ALA B 12 22.39 -33.29 3.81
CA ALA B 12 21.62 -32.77 2.66
C ALA B 12 21.99 -31.34 2.18
N TRP B 13 22.57 -30.50 3.04
CA TRP B 13 23.20 -29.26 2.59
C TRP B 13 24.70 -29.40 2.38
N GLU B 14 25.25 -30.55 2.80
CA GLU B 14 26.68 -30.86 2.63
C GLU B 14 26.96 -31.26 1.18
N ILE B 15 28.03 -30.70 0.60
CA ILE B 15 28.38 -30.86 -0.82
C ILE B 15 29.89 -31.10 -1.00
N PRO B 16 30.27 -31.98 -1.95
CA PRO B 16 31.69 -32.19 -2.23
C PRO B 16 32.37 -31.01 -2.93
N ARG B 17 33.67 -30.84 -2.68
CA ARG B 17 34.42 -29.64 -3.11
C ARG B 17 34.74 -29.50 -4.60
N GLU B 18 34.47 -30.54 -5.40
CA GLU B 18 34.79 -30.52 -6.84
C GLU B 18 33.71 -29.83 -7.64
N SER B 19 32.48 -29.82 -7.13
CA SER B 19 31.38 -29.12 -7.78
C SER B 19 31.58 -27.60 -7.86
N LEU B 20 32.27 -27.01 -6.88
CA LEU B 20 32.43 -25.55 -6.78
C LEU B 20 33.70 -25.01 -7.42
N ARG B 21 33.56 -24.30 -8.54
CA ARG B 21 34.64 -23.46 -9.01
C ARG B 21 34.48 -22.09 -8.39
N LEU B 22 35.48 -21.68 -7.60
CA LEU B 22 35.64 -20.24 -7.29
C LEU B 22 36.15 -19.55 -8.56
N GLU B 23 35.45 -18.52 -9.03
CA GLU B 23 35.87 -17.77 -10.23
C GLU B 23 36.39 -16.36 -9.92
N VAL B 24 35.52 -15.47 -9.46
CA VAL B 24 35.79 -14.02 -9.37
C VAL B 24 35.67 -13.48 -7.95
N LYS B 25 36.52 -12.49 -7.60
CA LYS B 25 36.61 -11.91 -6.25
C LYS B 25 35.66 -10.72 -6.08
N LEU B 26 34.76 -10.77 -5.10
CA LEU B 26 33.72 -9.72 -4.89
C LEU B 26 33.96 -8.81 -3.66
N GLY B 27 34.52 -9.36 -2.59
CA GLY B 27 34.88 -8.55 -1.42
C GLY B 27 35.68 -9.28 -0.35
N GLN B 28 36.75 -8.63 0.12
CA GLN B 28 37.59 -9.11 1.23
C GLN B 28 36.97 -8.70 2.57
N GLY B 29 37.18 -9.51 3.61
CA GLY B 29 36.59 -9.28 4.94
C GLY B 29 37.35 -9.94 6.09
N CYS B 30 36.92 -9.69 7.33
CA CYS B 30 37.56 -10.32 8.51
C CYS B 30 37.12 -11.77 8.65
N PHE B 31 35.82 -12.03 8.51
CA PHE B 31 35.32 -13.42 8.39
C PHE B 31 36.05 -14.13 7.24
N GLY B 32 36.18 -13.46 6.09
CA GLY B 32 36.78 -14.04 4.89
C GLY B 32 36.25 -13.42 3.62
N GLU B 33 36.68 -13.95 2.49
CA GLU B 33 36.29 -13.45 1.16
C GLU B 33 34.87 -13.84 0.74
N VAL B 34 34.41 -13.23 -0.37
CA VAL B 34 33.15 -13.59 -1.03
C VAL B 34 33.40 -13.64 -2.55
N TRP B 35 33.07 -14.75 -3.19
CA TRP B 35 33.35 -14.95 -4.61
C TRP B 35 32.08 -15.19 -5.42
N MET B 36 32.17 -14.91 -6.72
CA MET B 36 31.25 -15.49 -7.71
C MET B 36 31.84 -16.85 -8.07
N GLY B 37 31.03 -17.72 -8.64
CA GLY B 37 31.51 -19.04 -9.03
C GLY B 37 30.55 -19.84 -9.85
N THR B 38 30.86 -21.12 -9.99
CA THR B 38 30.04 -22.04 -10.72
C THR B 38 29.91 -23.34 -9.95
N TRP B 39 28.67 -23.82 -9.85
CA TRP B 39 28.33 -25.04 -9.14
C TRP B 39 28.00 -26.08 -10.20
N ASN B 40 28.75 -27.17 -10.21
CA ASN B 40 28.57 -28.28 -11.16
C ASN B 40 28.65 -27.84 -12.63
N GLY B 41 29.50 -26.86 -12.94
CA GLY B 41 29.61 -26.36 -14.32
C GLY B 41 28.47 -25.48 -14.82
N THR B 42 27.22 -25.84 -14.51
CA THR B 42 26.05 -25.05 -14.91
C THR B 42 25.92 -23.71 -14.15
N THR B 43 25.43 -23.77 -12.90
CA THR B 43 24.84 -22.63 -12.20
C THR B 43 25.85 -21.58 -11.71
N ARG B 44 25.53 -20.32 -11.98
CA ARG B 44 26.28 -19.20 -11.42
C ARG B 44 25.86 -19.02 -9.96
N VAL B 45 26.84 -19.04 -9.05
CA VAL B 45 26.58 -19.04 -7.61
C VAL B 45 27.52 -18.08 -6.88
N ALA B 46 27.09 -17.63 -5.72
CA ALA B 46 27.91 -16.82 -4.83
C ALA B 46 28.45 -17.75 -3.76
N ILE B 47 29.65 -17.41 -3.23
CA ILE B 47 30.39 -18.26 -2.29
C ILE B 47 31.03 -17.43 -1.15
N LYS B 48 30.41 -17.45 0.03
CA LYS B 48 30.96 -16.81 1.22
C LYS B 48 31.89 -17.80 1.88
N THR B 49 33.13 -17.38 2.14
CA THR B 49 34.14 -18.26 2.73
C THR B 49 34.52 -17.81 4.14
N LEU B 50 35.33 -18.63 4.80
CA LEU B 50 35.81 -18.32 6.15
C LEU B 50 37.30 -18.57 6.26
N LYS B 51 38.03 -17.53 6.67
CA LYS B 51 39.47 -17.62 6.91
C LYS B 51 39.65 -18.24 8.31
N PRO B 52 40.39 -19.38 8.42
CA PRO B 52 40.48 -20.18 9.67
C PRO B 52 40.60 -19.44 11.01
N GLY B 53 41.59 -18.54 11.12
CA GLY B 53 41.94 -17.90 12.40
C GLY B 53 41.15 -16.68 12.86
N THR B 54 40.04 -16.36 12.18
CA THR B 54 39.17 -15.23 12.56
C THR B 54 37.79 -15.62 13.12
N MET B 55 37.37 -16.87 12.91
CA MET B 55 36.23 -17.44 13.63
C MET B 55 36.31 -18.95 13.64
N SER B 56 35.79 -19.54 14.71
CA SER B 56 35.77 -20.99 14.90
C SER B 56 34.77 -21.68 13.98
N PRO B 57 34.92 -23.02 13.81
CA PRO B 57 33.96 -23.81 13.01
C PRO B 57 32.58 -23.96 13.66
N GLU B 58 32.55 -24.23 14.97
CA GLU B 58 31.28 -24.30 15.70
C GLU B 58 30.52 -22.97 15.73
N ALA B 59 31.22 -21.83 15.58
CA ALA B 59 30.60 -20.48 15.60
C ALA B 59 29.89 -20.12 14.31
N PHE B 60 30.56 -20.34 13.18
CA PHE B 60 30.00 -20.03 11.85
C PHE B 60 28.87 -20.98 11.42
N LEU B 61 28.64 -22.04 12.19
CA LEU B 61 27.45 -22.89 12.11
C LEU B 61 26.16 -22.10 12.09
N GLN B 62 26.05 -21.09 12.96
CA GLN B 62 24.83 -20.29 13.09
C GLN B 62 24.57 -19.32 11.94
N GLU B 63 25.61 -18.80 11.27
CA GLU B 63 25.45 -17.88 10.10
C GLU B 63 24.41 -18.40 9.11
N ALA B 64 24.47 -19.70 8.81
CA ALA B 64 23.58 -20.35 7.83
C ALA B 64 22.52 -21.27 8.46
N GLN B 65 22.41 -21.32 9.79
CA GLN B 65 21.34 -22.07 10.44
C GLN B 65 19.96 -21.49 10.16
N CYS B 66 19.86 -20.17 10.26
CA CYS B 66 18.68 -19.39 9.83
C CYS B 66 18.34 -19.66 8.36
N MET B 67 19.37 -19.64 7.51
CA MET B 67 19.25 -19.85 6.07
C MET B 67 18.75 -21.25 5.71
N LYS B 68 19.10 -22.23 6.54
CA LYS B 68 18.58 -23.59 6.37
C LYS B 68 17.09 -23.62 6.60
N LYS B 69 16.64 -23.10 7.72
CA LYS B 69 15.19 -23.08 8.03
C LYS B 69 14.37 -22.14 7.13
N LEU B 70 14.90 -20.95 6.79
CA LEU B 70 14.15 -19.91 6.05
C LEU B 70 14.22 -20.00 4.50
N ARG B 71 13.06 -20.07 3.85
CA ARG B 71 12.95 -20.02 2.37
C ARG B 71 11.79 -19.11 1.89
N HIS B 72 12.13 -18.07 1.13
CA HIS B 72 11.13 -17.14 0.59
C HIS B 72 11.74 -16.32 -0.55
N GLU B 73 10.93 -15.99 -1.56
CA GLU B 73 11.45 -15.43 -2.80
C GLU B 73 12.30 -14.17 -2.64
N LYS B 74 12.08 -13.40 -1.58
CA LYS B 74 12.87 -12.19 -1.31
C LYS B 74 13.93 -12.37 -0.23
N LEU B 75 14.33 -13.61 0.03
CA LEU B 75 15.42 -13.90 0.95
C LEU B 75 16.45 -14.66 0.16
N VAL B 76 17.66 -14.11 0.07
CA VAL B 76 18.77 -14.79 -0.59
C VAL B 76 18.78 -16.25 -0.21
N GLN B 77 18.75 -17.10 -1.23
CA GLN B 77 18.55 -18.54 -1.09
C GLN B 77 19.89 -19.24 -0.91
N LEU B 78 19.90 -20.23 -0.01
CA LEU B 78 21.06 -21.09 0.17
C LEU B 78 20.94 -22.28 -0.76
N TYR B 79 22.02 -22.56 -1.46
CA TYR B 79 22.15 -23.77 -2.26
C TYR B 79 22.89 -24.89 -1.51
N ALA B 80 23.97 -24.54 -0.82
CA ALA B 80 24.87 -25.55 -0.27
C ALA B 80 25.84 -25.01 0.78
N VAL B 81 26.53 -25.94 1.44
CA VAL B 81 27.65 -25.63 2.33
C VAL B 81 28.78 -26.65 2.19
N VAL B 82 29.90 -26.31 2.81
CA VAL B 82 30.98 -27.26 3.07
C VAL B 82 31.39 -27.05 4.52
N SER B 83 30.91 -27.93 5.40
CA SER B 83 31.17 -27.84 6.85
C SER B 83 32.64 -28.10 7.22
N GLU B 84 33.32 -28.99 6.48
CA GLU B 84 34.75 -29.24 6.67
C GLU B 84 35.56 -27.97 6.35
N GLU B 85 36.53 -27.64 7.21
CA GLU B 85 37.33 -26.41 7.09
C GLU B 85 38.40 -26.55 5.97
N PRO B 86 38.62 -25.54 5.12
CA PRO B 86 37.95 -24.23 5.15
C PRO B 86 36.50 -24.27 4.68
N ILE B 87 35.63 -23.56 5.39
CA ILE B 87 34.19 -23.57 5.12
C ILE B 87 33.86 -22.73 3.87
N TYR B 88 32.83 -23.14 3.13
CA TYR B 88 32.24 -22.36 2.04
C TYR B 88 30.71 -22.41 2.14
N ILE B 89 30.05 -21.26 2.04
CA ILE B 89 28.58 -21.20 1.97
C ILE B 89 28.21 -20.79 0.54
N VAL B 90 27.29 -21.54 -0.08
CA VAL B 90 26.92 -21.35 -1.49
C VAL B 90 25.47 -20.85 -1.62
N THR B 91 25.29 -19.70 -2.26
CA THR B 91 23.98 -19.06 -2.39
C THR B 91 23.74 -18.68 -3.83
N GLU B 92 22.54 -18.19 -4.13
CA GLU B 92 22.27 -17.63 -5.46
C GLU B 92 23.13 -16.38 -5.69
N TYR B 93 23.63 -16.20 -6.90
CA TYR B 93 24.38 -14.99 -7.25
C TYR B 93 23.41 -13.89 -7.56
N MET B 94 23.61 -12.72 -6.97
CA MET B 94 22.82 -11.55 -7.30
C MET B 94 23.67 -10.67 -8.21
N SER B 95 23.25 -10.62 -9.46
CA SER B 95 23.94 -9.92 -10.53
C SER B 95 24.40 -8.50 -10.16
N LYS B 96 23.48 -7.67 -9.67
CA LYS B 96 23.73 -6.24 -9.54
C LYS B 96 24.35 -5.80 -8.20
N GLY B 97 24.61 -6.75 -7.30
CA GLY B 97 25.34 -6.49 -6.05
C GLY B 97 24.45 -5.95 -4.95
N SER B 98 25.06 -5.28 -3.96
CA SER B 98 24.30 -4.62 -2.88
C SER B 98 23.40 -3.49 -3.41
N LEU B 99 22.29 -3.26 -2.72
CA LEU B 99 21.38 -2.15 -3.06
C LEU B 99 22.03 -0.75 -2.91
N LEU B 100 22.91 -0.59 -1.93
CA LEU B 100 23.59 0.68 -1.68
C LEU B 100 24.52 1.00 -2.84
N ASP B 101 25.33 0.03 -3.24
CA ASP B 101 26.21 0.20 -4.40
C ASP B 101 25.41 0.51 -5.67
N PHE B 102 24.29 -0.19 -5.80
CA PHE B 102 23.42 0.00 -6.94
C PHE B 102 22.79 1.39 -7.00
N LEU B 103 22.33 1.95 -5.89
CA LEU B 103 21.72 3.30 -5.93
C LEU B 103 22.74 4.45 -6.14
N LYS B 104 23.97 4.28 -5.62
CA LYS B 104 24.95 5.36 -5.58
C LYS B 104 25.55 5.55 -6.97
N GLY B 105 25.99 4.43 -7.55
CA GLY B 105 26.54 4.40 -8.91
C GLY B 105 25.50 4.68 -9.99
N GLU B 106 25.95 4.85 -11.24
CA GLU B 106 25.05 5.41 -12.25
C GLU B 106 23.86 4.56 -12.72
N MET B 107 23.79 3.25 -12.45
CA MET B 107 22.64 2.41 -12.85
C MET B 107 21.32 2.84 -12.19
N GLY B 108 21.43 3.57 -11.08
CA GLY B 108 20.28 4.18 -10.44
C GLY B 108 20.30 5.70 -10.37
N LYS B 109 21.04 6.34 -11.26
CA LYS B 109 20.93 7.79 -11.42
C LYS B 109 19.52 8.09 -11.90
N TYR B 110 18.95 7.18 -12.69
CA TYR B 110 17.63 7.34 -13.29
C TYR B 110 16.47 6.67 -12.55
N LEU B 111 16.71 6.03 -11.40
CA LEU B 111 15.61 5.38 -10.65
C LEU B 111 14.70 6.43 -10.11
N ARG B 112 13.42 6.38 -10.47
CA ARG B 112 12.44 7.32 -9.94
C ARG B 112 11.60 6.56 -8.91
N LEU B 113 10.74 7.32 -8.25
CA LEU B 113 9.92 6.79 -7.16
C LEU B 113 9.36 5.41 -7.36
N PRO B 114 8.72 5.14 -8.52
CA PRO B 114 7.98 3.88 -8.67
C PRO B 114 8.82 2.63 -8.83
N GLN B 115 10.09 2.75 -9.22
CA GLN B 115 11.03 1.61 -9.17
C GLN B 115 11.44 1.40 -7.70
N LEU B 116 11.70 2.52 -7.01
CA LEU B 116 12.12 2.52 -5.61
C LEU B 116 11.06 1.92 -4.71
N VAL B 117 9.82 2.43 -4.81
CA VAL B 117 8.70 1.96 -4.00
C VAL B 117 8.41 0.47 -4.23
N ASP B 118 8.57 0.00 -5.46
CA ASP B 118 8.44 -1.42 -5.74
C ASP B 118 9.57 -2.26 -5.13
N MET B 119 10.77 -1.70 -5.03
CA MET B 119 11.89 -2.39 -4.34
C MET B 119 11.57 -2.54 -2.86
N ALA B 120 11.08 -1.44 -2.30
CA ALA B 120 10.68 -1.41 -0.91
C ALA B 120 9.54 -2.39 -0.62
N ALA B 121 8.57 -2.48 -1.53
CA ALA B 121 7.51 -3.45 -1.38
C ALA B 121 8.05 -4.86 -1.31
N GLN B 122 9.05 -5.17 -2.14
CA GLN B 122 9.68 -6.51 -2.14
C GLN B 122 10.48 -6.84 -0.88
N ILE B 123 11.29 -5.90 -0.41
CA ILE B 123 12.06 -6.11 0.81
C ILE B 123 11.08 -6.36 1.92
N ALA B 124 10.07 -5.49 2.02
CA ALA B 124 8.97 -5.64 2.97
C ALA B 124 8.25 -7.00 2.87
N SER B 125 8.07 -7.56 1.68
CA SER B 125 7.62 -8.95 1.55
C SER B 125 8.58 -9.90 2.29
N GLY B 126 9.87 -9.81 2.00
CA GLY B 126 10.88 -10.58 2.74
C GLY B 126 10.71 -10.47 4.24
N MET B 127 10.68 -9.26 4.77
CA MET B 127 10.51 -9.03 6.22
C MET B 127 9.16 -9.46 6.83
N ALA B 128 8.07 -9.40 6.08
CA ALA B 128 6.78 -9.93 6.53
C ALA B 128 6.84 -11.43 6.68
N TYR B 129 7.63 -12.11 5.86
CA TYR B 129 7.92 -13.54 6.06
C TYR B 129 8.77 -13.78 7.31
N VAL B 130 9.79 -12.96 7.53
CA VAL B 130 10.65 -13.04 8.74
C VAL B 130 9.83 -12.77 10.03
N GLU B 131 8.89 -11.84 9.92
CA GLU B 131 7.85 -11.57 10.94
C GLU B 131 7.00 -12.82 11.19
N ARG B 132 6.40 -13.37 10.14
CA ARG B 132 5.60 -14.57 10.28
C ARG B 132 6.32 -15.80 10.84
N MET B 133 7.64 -15.89 10.66
CA MET B 133 8.41 -17.02 11.23
C MET B 133 9.04 -16.71 12.60
N ASN B 134 8.75 -15.54 13.18
CA ASN B 134 9.31 -15.11 14.46
C ASN B 134 10.83 -15.18 14.42
N TYR B 135 11.40 -14.37 13.56
CA TYR B 135 12.80 -14.05 13.60
C TYR B 135 12.94 -12.51 13.60
N VAL B 136 14.17 -12.07 13.83
CA VAL B 136 14.54 -10.67 13.76
C VAL B 136 15.78 -10.58 12.86
N HIS B 137 15.85 -9.55 12.02
CA HIS B 137 17.05 -9.34 11.23
C HIS B 137 18.14 -8.75 12.10
N ARG B 138 17.78 -7.71 12.84
CA ARG B 138 18.68 -6.97 13.73
C ARG B 138 19.64 -6.01 13.00
N ASP B 139 19.55 -5.93 11.67
CA ASP B 139 20.55 -5.22 10.87
C ASP B 139 20.06 -4.97 9.44
N LEU B 140 18.84 -4.48 9.32
CA LEU B 140 18.24 -4.21 8.04
C LEU B 140 18.68 -2.84 7.57
N ARG B 141 19.34 -2.80 6.43
CA ARG B 141 19.74 -1.54 5.81
C ARG B 141 20.23 -1.85 4.41
N ALA B 142 20.41 -0.79 3.63
CA ALA B 142 20.75 -0.91 2.20
C ALA B 142 22.02 -1.71 1.87
N ALA B 143 23.00 -1.74 2.76
CA ALA B 143 24.17 -2.56 2.57
C ALA B 143 23.93 -4.07 2.69
N ASN B 144 22.77 -4.47 3.24
CA ASN B 144 22.36 -5.90 3.36
C ASN B 144 21.12 -6.30 2.53
N ILE B 145 20.88 -5.54 1.46
CA ILE B 145 19.88 -5.86 0.47
C ILE B 145 20.65 -6.10 -0.83
N LEU B 146 20.29 -7.18 -1.54
CA LEU B 146 20.92 -7.52 -2.81
C LEU B 146 19.92 -7.33 -3.98
N VAL B 147 20.36 -6.60 -5.01
CA VAL B 147 19.56 -6.32 -6.20
C VAL B 147 19.91 -7.35 -7.25
N GLY B 148 18.91 -7.77 -8.03
CA GLY B 148 19.08 -8.80 -9.07
C GLY B 148 18.53 -8.40 -10.42
N GLU B 149 18.37 -9.39 -11.29
CA GLU B 149 17.82 -9.12 -12.61
C GLU B 149 16.35 -8.75 -12.47
N ASN B 150 15.96 -7.67 -13.16
CA ASN B 150 14.60 -7.11 -13.12
C ASN B 150 14.34 -6.28 -11.84
N LEU B 151 15.40 -5.74 -11.23
CA LEU B 151 15.33 -5.06 -9.92
C LEU B 151 14.63 -5.87 -8.81
N VAL B 152 14.80 -7.19 -8.84
CA VAL B 152 14.39 -8.03 -7.74
C VAL B 152 15.33 -7.68 -6.59
N CYS B 153 14.74 -7.40 -5.42
CA CYS B 153 15.51 -7.10 -4.22
C CYS B 153 15.31 -8.19 -3.20
N LYS B 154 16.38 -8.52 -2.49
CA LYS B 154 16.35 -9.61 -1.53
C LYS B 154 17.10 -9.27 -0.26
N VAL B 155 16.52 -9.72 0.86
CA VAL B 155 17.06 -9.50 2.19
C VAL B 155 18.22 -10.49 2.41
N ALA B 156 19.41 -9.95 2.74
CA ALA B 156 20.64 -10.73 2.67
C ALA B 156 21.22 -11.20 4.01
N ASP B 157 22.09 -10.41 4.66
CA ASP B 157 23.02 -10.97 5.69
C ASP B 157 22.38 -11.54 6.98
N PHE B 158 22.12 -12.86 6.98
CA PHE B 158 21.60 -13.59 8.16
C PHE B 158 22.70 -14.11 9.12
N GLY B 159 23.88 -13.49 9.11
CA GLY B 159 24.91 -13.82 10.08
C GLY B 159 24.64 -13.24 11.45
N LEU B 160 23.57 -12.45 11.61
CA LEU B 160 23.17 -11.89 12.88
C LEU B 160 21.64 -11.87 13.03
N ALA B 161 20.95 -12.96 12.64
CA ALA B 161 19.47 -13.03 12.73
C ALA B 161 18.94 -13.78 13.95
N ARG B 162 18.25 -13.05 14.84
CA ARG B 162 17.78 -13.59 16.13
C ARG B 162 16.81 -14.75 15.97
N LEU B 163 16.77 -15.58 17.00
CA LEU B 163 15.88 -16.74 17.10
C LEU B 163 15.05 -16.55 18.37
N ILE B 164 14.37 -15.40 18.48
CA ILE B 164 13.60 -15.04 19.69
C ILE B 164 12.61 -13.93 19.40
N PRO B 178 26.60 0.89 14.21
CA PRO B 178 25.45 0.82 13.31
C PRO B 178 24.30 1.74 13.75
N ILE B 179 24.60 2.73 14.59
CA ILE B 179 23.59 3.53 15.30
C ILE B 179 22.52 4.16 14.42
N LYS B 180 22.94 4.74 13.29
CA LYS B 180 22.05 5.52 12.40
C LYS B 180 20.88 4.71 11.83
N TRP B 181 21.10 3.43 11.61
CA TRP B 181 20.06 2.50 11.17
C TRP B 181 19.31 1.84 12.32
N THR B 182 19.98 1.65 13.45
CA THR B 182 19.43 0.91 14.61
C THR B 182 18.41 1.74 15.38
N ALA B 183 17.39 1.05 15.91
CA ALA B 183 16.39 1.68 16.78
C ALA B 183 17.01 1.95 18.17
N PRO B 184 16.60 3.06 18.84
CA PRO B 184 17.28 3.44 20.08
C PRO B 184 17.12 2.40 21.22
N GLU B 185 15.89 1.96 21.49
CA GLU B 185 15.68 0.89 22.48
C GLU B 185 16.54 -0.35 22.25
N ALA B 186 16.97 -0.55 21.01
CA ALA B 186 17.93 -1.60 20.67
C ALA B 186 19.36 -1.14 20.83
N ALA B 187 19.67 0.08 20.41
CA ALA B 187 21.04 0.61 20.54
C ALA B 187 21.48 0.61 21.98
N LEU B 188 20.57 1.06 22.84
CA LEU B 188 20.82 1.24 24.27
C LEU B 188 20.58 -0.04 25.10
N TYR B 189 19.33 -0.48 25.21
CA TYR B 189 18.95 -1.51 26.17
C TYR B 189 19.01 -2.92 25.61
N GLY B 190 19.42 -3.10 24.36
CA GLY B 190 19.46 -4.42 23.72
C GLY B 190 18.11 -5.07 23.44
N ARG B 191 17.03 -4.28 23.37
CA ARG B 191 15.70 -4.80 22.96
C ARG B 191 15.69 -4.94 21.42
N PHE B 192 16.13 -6.10 20.91
CA PHE B 192 16.19 -6.37 19.46
C PHE B 192 14.99 -7.20 18.96
N THR B 193 13.92 -6.47 18.58
CA THR B 193 12.66 -7.05 18.15
C THR B 193 12.38 -6.79 16.68
N ILE B 194 11.42 -7.56 16.15
CA ILE B 194 10.83 -7.26 14.86
C ILE B 194 10.42 -5.77 14.74
N LYS B 195 10.00 -5.13 15.82
CA LYS B 195 9.70 -3.67 15.82
C LYS B 195 10.93 -2.76 15.72
N SER B 196 12.11 -3.25 16.05
CA SER B 196 13.33 -2.50 15.81
C SER B 196 13.79 -2.64 14.36
N ASP B 197 13.26 -3.63 13.64
CA ASP B 197 13.44 -3.76 12.19
C ASP B 197 12.54 -2.82 11.39
N VAL B 198 11.35 -2.54 11.89
CA VAL B 198 10.48 -1.56 11.25
C VAL B 198 11.12 -0.20 11.33
N TRP B 199 11.77 0.13 12.45
CA TRP B 199 12.53 1.37 12.57
C TRP B 199 13.56 1.46 11.45
N SER B 200 14.42 0.45 11.36
CA SER B 200 15.50 0.42 10.36
C SER B 200 14.88 0.56 8.99
N PHE B 201 13.95 -0.34 8.68
CA PHE B 201 13.28 -0.28 7.42
C PHE B 201 12.78 1.15 7.10
N GLY B 202 12.22 1.86 8.06
CA GLY B 202 11.91 3.28 7.88
C GLY B 202 13.09 4.15 7.46
N ILE B 203 14.26 3.89 8.03
CA ILE B 203 15.54 4.52 7.58
C ILE B 203 15.97 4.04 6.19
N LEU B 204 15.77 2.76 5.89
CA LEU B 204 15.99 2.26 4.52
C LEU B 204 15.13 3.01 3.46
N LEU B 205 13.91 3.42 3.81
CA LEU B 205 13.11 4.30 2.93
C LEU B 205 13.78 5.65 2.63
N THR B 206 14.60 6.17 3.54
CA THR B 206 15.38 7.42 3.27
C THR B 206 16.70 7.22 2.50
N GLU B 207 17.15 5.97 2.37
CA GLU B 207 18.27 5.65 1.48
C GLU B 207 17.82 5.57 0.05
N LEU B 208 16.72 4.87 -0.17
CA LEU B 208 16.15 4.75 -1.50
C LEU B 208 15.89 6.12 -2.11
N THR B 209 15.20 6.97 -1.37
CA THR B 209 14.76 8.28 -1.93
C THR B 209 15.84 9.40 -1.94
N THR B 210 17.07 9.11 -1.49
CA THR B 210 18.19 10.05 -1.61
C THR B 210 19.36 9.45 -2.40
N LYS B 211 19.09 8.42 -3.19
CA LYS B 211 20.13 7.77 -3.99
C LYS B 211 21.29 7.24 -3.13
N GLY B 212 20.94 6.65 -2.00
CA GLY B 212 21.87 5.87 -1.19
C GLY B 212 22.84 6.69 -0.38
N ARG B 213 22.43 7.88 0.07
CA ARG B 213 23.26 8.69 0.96
C ARG B 213 23.24 8.08 2.35
N VAL B 214 24.09 8.62 3.24
CA VAL B 214 24.10 8.21 4.66
C VAL B 214 23.01 9.05 5.30
N PRO B 215 22.14 8.43 6.13
CA PRO B 215 21.12 9.19 6.83
C PRO B 215 21.70 10.08 7.94
N TYR B 216 20.91 11.04 8.39
CA TYR B 216 21.33 12.01 9.39
C TYR B 216 22.56 12.73 8.91
N PRO B 217 22.44 13.41 7.77
CA PRO B 217 23.62 14.00 7.14
C PRO B 217 24.08 15.24 7.89
N GLY B 218 25.39 15.31 8.11
CA GLY B 218 25.99 16.37 8.94
C GLY B 218 25.82 16.11 10.42
N MET B 219 25.85 14.83 10.80
CA MET B 219 25.81 14.39 12.18
C MET B 219 26.63 13.13 12.33
N VAL B 220 27.21 12.96 13.50
CA VAL B 220 28.05 11.79 13.82
C VAL B 220 27.32 10.90 14.84
N ASN B 221 27.65 9.60 14.85
CA ASN B 221 26.96 8.60 15.67
C ASN B 221 26.59 9.09 17.07
N ARG B 222 27.51 9.84 17.68
CA ARG B 222 27.29 10.45 19.00
C ARG B 222 26.06 11.38 19.03
N GLU B 223 26.03 12.41 18.18
CA GLU B 223 24.93 13.39 18.26
C GLU B 223 23.58 12.84 17.76
N VAL B 224 23.63 11.74 17.04
CA VAL B 224 22.42 11.07 16.57
C VAL B 224 21.59 10.55 17.72
N LEU B 225 22.20 9.74 18.60
CA LEU B 225 21.46 9.16 19.71
C LEU B 225 20.77 10.25 20.53
N ASP B 226 21.49 11.33 20.84
CA ASP B 226 20.94 12.44 21.64
C ASP B 226 19.77 13.09 20.91
N GLN B 227 20.01 13.52 19.67
CA GLN B 227 18.94 14.14 18.90
C GLN B 227 17.71 13.26 18.70
N VAL B 228 17.90 11.96 18.47
CA VAL B 228 16.77 11.07 18.25
C VAL B 228 15.88 11.00 19.49
N GLU B 229 16.49 10.79 20.65
CA GLU B 229 15.73 10.65 21.90
C GLU B 229 15.04 11.94 22.31
N ARG B 230 15.58 13.09 21.90
CA ARG B 230 14.86 14.36 22.03
C ARG B 230 13.61 14.40 21.14
N GLY B 231 13.58 13.55 20.10
CA GLY B 231 12.45 13.43 19.17
C GLY B 231 12.68 14.08 17.81
N TYR B 232 13.94 14.11 17.37
CA TYR B 232 14.31 14.54 16.02
C TYR B 232 14.26 13.33 15.11
N ARG B 233 13.33 13.40 14.18
CA ARG B 233 13.21 12.48 13.05
C ARG B 233 13.63 13.24 11.78
N MET B 234 14.09 12.50 10.78
CA MET B 234 14.58 13.15 9.54
C MET B 234 13.49 13.84 8.72
N PRO B 235 13.81 15.02 8.12
CA PRO B 235 12.82 15.68 7.28
C PRO B 235 12.49 14.91 6.01
N CYS B 236 11.37 15.30 5.40
CA CYS B 236 10.90 14.78 4.12
C CYS B 236 11.94 15.13 3.02
N PRO B 237 12.69 14.11 2.48
CA PRO B 237 13.72 14.43 1.46
C PRO B 237 13.12 15.11 0.23
N PRO B 238 13.78 16.16 -0.32
CA PRO B 238 13.24 16.93 -1.47
C PRO B 238 12.53 16.11 -2.56
N GLU B 239 11.39 16.62 -3.04
CA GLU B 239 10.58 15.94 -4.07
C GLU B 239 10.22 14.46 -3.72
N CYS B 240 9.81 14.21 -2.48
CA CYS B 240 9.28 12.90 -2.07
C CYS B 240 7.85 13.10 -1.56
N PRO B 241 6.91 12.21 -1.93
CA PRO B 241 5.53 12.51 -1.56
C PRO B 241 5.29 12.48 -0.06
N GLU B 242 4.55 13.46 0.42
CA GLU B 242 4.28 13.63 1.85
C GLU B 242 3.83 12.30 2.47
N SER B 243 2.87 11.65 1.83
CA SER B 243 2.36 10.35 2.27
C SER B 243 3.42 9.28 2.52
N LEU B 244 4.51 9.30 1.74
CA LEU B 244 5.64 8.42 2.04
C LEU B 244 6.47 8.89 3.27
N HIS B 245 6.74 10.18 3.39
CA HIS B 245 7.45 10.70 4.60
C HIS B 245 6.65 10.45 5.88
N ASP B 246 5.32 10.52 5.80
CA ASP B 246 4.45 10.10 6.91
C ASP B 246 4.68 8.63 7.28
N LEU B 247 4.70 7.76 6.29
CA LEU B 247 5.01 6.36 6.52
C LEU B 247 6.36 6.13 7.20
N MET B 248 7.37 6.92 6.85
CA MET B 248 8.63 6.87 7.61
C MET B 248 8.42 7.23 9.11
N CYS B 249 7.60 8.23 9.41
CA CYS B 249 7.34 8.61 10.83
C CYS B 249 6.57 7.58 11.66
N GLN B 250 5.64 6.84 11.05
CA GLN B 250 5.07 5.62 11.66
C GLN B 250 6.14 4.57 11.96
N CYS B 251 7.11 4.39 11.05
CA CYS B 251 8.23 3.46 11.28
C CYS B 251 9.14 3.87 12.44
N TRP B 252 9.15 5.16 12.78
CA TRP B 252 10.02 5.70 13.83
C TRP B 252 9.29 6.23 15.06
N ARG B 253 8.11 5.66 15.35
CA ARG B 253 7.39 6.06 16.54
C ARG B 253 8.18 5.54 17.74
N LYS B 254 8.16 6.32 18.82
CA LYS B 254 9.00 6.09 19.99
C LYS B 254 8.62 4.76 20.63
N ASP B 255 7.32 4.53 20.79
CA ASP B 255 6.82 3.29 21.35
C ASP B 255 6.90 2.17 20.29
N PRO B 256 7.74 1.14 20.52
CA PRO B 256 7.76 -0.03 19.63
C PRO B 256 6.41 -0.50 19.03
N GLU B 257 5.36 -0.54 19.85
CA GLU B 257 4.06 -1.09 19.43
C GLU B 257 3.16 -0.14 18.62
N GLU B 258 3.46 1.16 18.63
CA GLU B 258 2.75 2.11 17.79
C GLU B 258 3.32 2.11 16.35
N ARG B 259 4.45 1.45 16.10
CA ARG B 259 4.97 1.28 14.72
C ARG B 259 4.20 0.21 13.97
N PRO B 260 4.00 0.37 12.66
CA PRO B 260 3.23 -0.62 11.94
C PRO B 260 4.10 -1.82 11.64
N THR B 261 3.45 -2.90 11.16
CA THR B 261 4.14 -4.15 10.86
C THR B 261 4.51 -4.27 9.38
N PHE B 262 5.36 -5.25 9.09
CA PHE B 262 5.73 -5.62 7.73
C PHE B 262 4.55 -6.16 6.84
N GLU B 263 3.44 -6.57 7.46
CA GLU B 263 2.20 -6.87 6.72
C GLU B 263 1.54 -5.59 6.14
N TYR B 264 1.40 -4.56 6.98
CA TYR B 264 0.77 -3.31 6.55
C TYR B 264 1.69 -2.51 5.62
N LEU B 265 2.99 -2.52 5.90
CA LEU B 265 3.96 -1.86 5.03
C LEU B 265 3.91 -2.45 3.66
N GLN B 266 4.08 -3.77 3.58
CA GLN B 266 4.02 -4.48 2.31
C GLN B 266 2.77 -4.09 1.50
N ALA B 267 1.60 -4.33 2.06
CA ALA B 267 0.31 -3.90 1.47
C ALA B 267 0.22 -2.40 1.10
N PHE B 268 0.84 -1.52 1.90
CA PHE B 268 0.80 -0.06 1.68
C PHE B 268 1.60 0.34 0.44
N LEU B 269 2.87 -0.10 0.40
CA LEU B 269 3.75 0.17 -0.71
C LEU B 269 3.36 -0.53 -2.02
N GLU B 270 2.91 -1.79 -1.97
CA GLU B 270 2.34 -2.41 -3.16
C GLU B 270 1.29 -1.53 -3.81
N ASP B 271 0.32 -1.10 -3.03
CA ASP B 271 -0.81 -0.34 -3.57
C ASP B 271 -0.55 1.16 -3.67
N TYR B 272 0.63 1.60 -3.24
CA TYR B 272 0.94 3.01 -3.06
C TYR B 272 0.36 3.89 -4.15
N PHE B 273 0.60 3.54 -5.41
CA PHE B 273 0.26 4.48 -6.51
C PHE B 273 -1.20 4.51 -6.94
N THR B 274 -2.01 3.64 -6.34
CA THR B 274 -3.45 3.64 -6.55
C THR B 274 -4.16 4.28 -5.37
N SER B 275 -3.82 3.81 -4.17
CA SER B 275 -4.55 4.10 -2.95
C SER B 275 -4.13 5.40 -2.30
N THR B 276 -2.82 5.65 -2.27
CA THR B 276 -2.23 6.79 -1.58
C THR B 276 -1.71 7.92 -2.50
N GLU B 277 -1.14 7.58 -3.67
CA GLU B 277 -0.63 8.57 -4.64
C GLU B 277 -1.01 8.20 -6.07
N PRO B 278 -2.28 8.49 -6.46
CA PRO B 278 -2.75 8.28 -7.83
C PRO B 278 -2.37 9.42 -8.82
N GLN B 279 -2.42 10.69 -8.39
CA GLN B 279 -2.06 11.83 -9.25
C GLN B 279 -0.56 12.21 -9.24
N TYR B 280 0.29 11.34 -8.67
CA TYR B 280 1.76 11.46 -8.71
C TYR B 280 2.33 11.71 -10.11
N GLN B 281 3.18 12.73 -10.24
CA GLN B 281 3.82 13.14 -11.51
C GLN B 281 5.33 13.10 -11.34
N PRO B 282 6.10 12.48 -12.28
CA PRO B 282 7.56 12.47 -12.09
C PRO B 282 8.21 13.88 -12.03
N GLY B 283 9.33 13.94 -11.33
CA GLY B 283 10.05 15.19 -11.05
C GLY B 283 11.43 15.14 -11.67
N GLU B 284 12.42 15.69 -10.95
CA GLU B 284 13.81 15.70 -11.40
C GLU B 284 14.51 14.46 -10.88
N ASN B 285 14.40 14.23 -9.57
CA ASN B 285 15.03 13.07 -8.95
C ASN B 285 14.09 11.97 -8.51
N LEU B 286 12.84 12.31 -8.25
CA LEU B 286 11.84 11.31 -7.87
C LEU B 286 10.51 11.61 -8.61
#